data_4FUI
#
_entry.id   4FUI
#
_cell.length_a   55.100
_cell.length_b   53.400
_cell.length_c   80.250
_cell.angle_alpha   90.000
_cell.angle_beta   90.000
_cell.angle_gamma   90.000
#
_symmetry.space_group_name_H-M   'P 21 21 21'
#
loop_
_entity.id
_entity.type
_entity.pdbx_description
1 polymer 'Urokinase-type plasminogen activator'
2 non-polymer 7-METHOXY-8-[1-(METHYLSULFONYL)-1H-PYRAZOL-4-YL]NAPHTHALENE-2-CARBOXIMIDAMIDE
3 non-polymer 'SULFATE ION'
4 non-polymer GLYCEROL
5 non-polymer 'SODIUM ION'
6 non-polymer 'SUCCINIC ACID'
7 water water
#
_entity_poly.entity_id   1
_entity_poly.type   'polypeptide(L)'
_entity_poly.pdbx_seq_one_letter_code
;IIGGEFTTIENQPWFAAIYRRHRGGSVTYVCGGSLISPCWVISATHCFIDYPKKEDYIVYLGRSRLNSNTQGEMKFEVEN
LILHKDYSADTLAHHNDIALLKIRSKEGRCAQPSRTIQTIALPSMYNDPQFGTSCEITGFGKEQSTDYLYPEQLKMTVVK
LISHRECQQPHYYGSEVTTKMLCAADPQWKTDSCQGDSGGPLVCSLQGRMTLTGIVSWGRGCALKDKPGVYTRVSHFLPW
IRSHTK
;
_entity_poly.pdbx_strand_id   A
#
loop_
_chem_comp.id
_chem_comp.type
_chem_comp.name
_chem_comp.formula
GOL non-polymer GLYCEROL 'C3 H8 O3'
NA non-polymer 'SODIUM ION' 'Na 1'
SIN non-polymer 'SUCCINIC ACID' 'C4 H6 O4'
SO4 non-polymer 'SULFATE ION' 'O4 S -2'
UI3 non-polymer 7-METHOXY-8-[1-(METHYLSULFONYL)-1H-PYRAZOL-4-YL]NAPHTHALENE-2-CARBOXIMIDAMIDE 'C16 H16 N4 O3 S'
#
# COMPACT_ATOMS: atom_id res chain seq x y z
N ILE A 1 6.85 6.58 6.23
CA ILE A 1 5.94 7.00 7.30
C ILE A 1 6.58 8.10 8.15
N ILE A 2 5.92 9.28 8.22
CA ILE A 2 6.31 10.43 9.06
C ILE A 2 5.77 10.16 10.45
N GLY A 3 6.59 10.30 11.47
CA GLY A 3 6.17 10.03 12.84
C GLY A 3 5.86 8.56 13.01
N GLY A 4 4.86 8.25 13.85
CA GLY A 4 4.47 6.87 14.13
C GLY A 4 5.55 6.13 14.91
N GLU A 5 5.72 4.83 14.62
CA GLU A 5 6.69 4.02 15.37
C GLU A 5 7.25 2.85 14.55
N PHE A 6 8.42 2.36 14.94
CA PHE A 6 8.98 1.18 14.31
C PHE A 6 8.16 -0.03 14.72
N THR A 7 8.12 -1.04 13.86
CA THR A 7 7.35 -2.25 14.11
C THR A 7 8.09 -3.43 13.48
N THR A 8 7.49 -4.63 13.51
CA THR A 8 8.04 -5.85 12.88
C THR A 8 6.92 -6.48 12.06
N ILE A 9 7.26 -7.43 11.15
CA ILE A 9 6.28 -8.08 10.27
C ILE A 9 5.22 -8.90 11.06
N GLU A 10 5.52 -9.39 12.29
CA GLU A 10 4.51 -10.15 13.04
C GLU A 10 3.27 -9.27 13.38
N ASN A 11 3.42 -7.93 13.40
CA ASN A 11 2.31 -7.00 13.64
C ASN A 11 1.48 -6.73 12.38
N GLN A 12 2.09 -6.86 11.21
CA GLN A 12 1.50 -6.58 9.89
C GLN A 12 1.80 -7.78 8.95
N PRO A 13 1.30 -9.03 9.22
CA PRO A 13 1.78 -10.18 8.43
C PRO A 13 1.32 -10.25 6.99
N TRP A 14 0.36 -9.40 6.59
CA TRP A 14 -0.13 -9.26 5.22
C TRP A 14 0.78 -8.34 4.38
N PHE A 15 1.75 -7.63 5.03
CA PHE A 15 2.59 -6.66 4.32
C PHE A 15 3.62 -7.33 3.39
N ALA A 16 3.61 -6.89 2.11
CA ALA A 16 4.54 -7.38 1.09
C ALA A 16 5.56 -6.30 0.75
N ALA A 17 6.85 -6.67 0.73
CA ALA A 17 7.95 -5.78 0.38
C ALA A 17 8.32 -6.03 -1.09
N ILE A 18 8.11 -5.01 -1.97
CA ILE A 18 8.35 -5.17 -3.40
C ILE A 18 9.63 -4.41 -3.85
N TYR A 19 10.56 -5.17 -4.47
CA TYR A 19 11.86 -4.70 -4.96
C TYR A 19 11.98 -4.88 -6.47
N ARG A 20 12.93 -4.15 -7.08
CA ARG A 20 13.21 -4.25 -8.51
C ARG A 20 14.67 -4.56 -8.76
N ARG A 21 14.94 -5.50 -9.67
CA ARG A 21 16.29 -5.89 -10.11
C ARG A 21 16.66 -5.05 -11.33
N HIS A 22 17.77 -4.32 -11.23
CA HIS A 22 18.27 -3.46 -12.29
C HIS A 22 19.30 -4.20 -13.15
N ARG A 23 19.57 -3.69 -14.35
CA ARG A 23 20.62 -4.22 -15.21
C ARG A 23 21.95 -4.06 -14.46
N GLY A 24 22.73 -5.14 -14.40
CA GLY A 24 23.99 -5.14 -13.66
C GLY A 24 23.91 -5.82 -12.31
N GLY A 25 22.69 -6.15 -11.87
CA GLY A 25 22.44 -6.89 -10.63
C GLY A 25 21.95 -6.16 -9.39
N SER A 26 22.00 -4.80 -9.36
CA SER A 26 21.55 -4.08 -8.17
C SER A 26 20.03 -4.19 -7.99
N VAL A 27 19.60 -4.32 -6.73
CA VAL A 27 18.20 -4.45 -6.34
C VAL A 27 17.84 -3.28 -5.42
N THR A 28 16.73 -2.58 -5.72
CA THR A 28 16.25 -1.44 -4.90
C THR A 28 14.78 -1.61 -4.52
N TYR A 29 14.39 -1.05 -3.36
CA TYR A 29 13.01 -1.09 -2.89
C TYR A 29 12.12 -0.23 -3.78
N VAL A 30 10.91 -0.73 -4.09
CA VAL A 30 9.98 -0.01 -4.98
C VAL A 30 8.76 0.49 -4.20
N CYS A 31 7.96 -0.43 -3.65
CA CYS A 31 6.69 -0.13 -3.02
C CYS A 31 6.28 -1.23 -2.06
N GLY A 32 5.23 -0.95 -1.29
CA GLY A 32 4.59 -1.91 -0.41
C GLY A 32 3.45 -2.57 -1.17
N GLY A 33 2.87 -3.57 -0.55
CA GLY A 33 1.76 -4.34 -1.11
C GLY A 33 1.08 -5.12 0.00
N SER A 34 -0.08 -5.75 -0.32
CA SER A 34 -0.80 -6.53 0.67
C SER A 34 -1.19 -7.91 0.10
N LEU A 35 -1.00 -8.97 0.89
CA LEU A 35 -1.36 -10.32 0.48
C LEU A 35 -2.87 -10.51 0.69
N ILE A 36 -3.64 -10.66 -0.40
CA ILE A 36 -5.11 -10.83 -0.28
C ILE A 36 -5.54 -12.32 -0.41
N SER A 37 -4.63 -13.18 -0.90
CA SER A 37 -4.79 -14.65 -1.04
C SER A 37 -3.39 -15.26 -1.22
N PRO A 38 -3.16 -16.59 -1.03
CA PRO A 38 -1.78 -17.12 -1.13
C PRO A 38 -1.00 -16.75 -2.40
N CYS A 39 -1.68 -16.69 -3.59
CA CYS A 39 -1.04 -16.43 -4.87
C CYS A 39 -1.12 -14.94 -5.28
N TRP A 40 -1.82 -14.07 -4.51
CA TRP A 40 -2.02 -12.69 -4.95
C TRP A 40 -1.66 -11.56 -3.97
N VAL A 41 -0.90 -10.58 -4.48
CA VAL A 41 -0.50 -9.36 -3.80
C VAL A 41 -1.15 -8.17 -4.54
N ILE A 42 -1.78 -7.24 -3.78
CA ILE A 42 -2.41 -6.06 -4.37
C ILE A 42 -1.56 -4.83 -4.01
N SER A 43 -1.36 -3.94 -4.98
CA SER A 43 -0.51 -2.76 -4.78
C SER A 43 -1.07 -1.61 -5.62
N ALA A 44 -0.22 -0.63 -5.96
CA ALA A 44 -0.61 0.54 -6.77
C ALA A 44 0.07 0.48 -8.13
N THR A 45 -0.69 0.75 -9.23
CA THR A 45 -0.15 0.74 -10.60
C THR A 45 1.00 1.74 -10.78
N HIS A 46 0.95 2.93 -10.14
CA HIS A 46 1.99 3.96 -10.33
C HIS A 46 3.41 3.46 -9.94
N CYS A 47 3.49 2.40 -9.12
CA CYS A 47 4.73 1.77 -8.66
C CYS A 47 5.44 1.06 -9.82
N PHE A 48 4.69 0.58 -10.83
CA PHE A 48 5.19 -0.29 -11.91
C PHE A 48 5.01 0.25 -13.33
N ILE A 49 4.16 1.27 -13.53
CA ILE A 49 3.81 1.80 -14.86
C ILE A 49 5.04 2.16 -15.76
N ASP A 50 6.16 2.66 -15.19
CA ASP A 50 7.34 3.03 -15.99
C ASP A 50 8.27 1.82 -16.28
N TYR A 51 8.12 0.72 -15.54
CA TYR A 51 8.90 -0.52 -15.72
C TYR A 51 7.91 -1.70 -15.65
N PRO A 52 7.00 -1.85 -16.66
CA PRO A 52 5.95 -2.87 -16.55
C PRO A 52 6.36 -4.29 -17.00
N LYS A 53 7.57 -4.72 -16.63
CA LYS A 53 8.15 -6.03 -16.98
C LYS A 53 8.17 -6.90 -15.71
N LYS A 54 7.29 -7.94 -15.65
CA LYS A 54 7.12 -8.79 -14.47
C LYS A 54 8.42 -9.47 -13.99
N GLU A 55 9.36 -9.78 -14.91
CA GLU A 55 10.62 -10.45 -14.57
C GLU A 55 11.55 -9.56 -13.72
N ASP A 56 11.33 -8.25 -13.71
CA ASP A 56 12.15 -7.29 -12.96
C ASP A 56 11.93 -7.32 -11.44
N TYR A 57 10.78 -7.82 -10.99
CA TYR A 57 10.36 -7.70 -9.61
C TYR A 57 10.61 -8.91 -8.71
N ILE A 58 10.92 -8.58 -7.44
CA ILE A 58 11.12 -9.51 -6.33
C ILE A 58 10.10 -9.14 -5.25
N VAL A 59 9.33 -10.12 -4.77
CA VAL A 59 8.34 -9.91 -3.68
C VAL A 59 8.74 -10.75 -2.49
N TYR A 60 8.76 -10.13 -1.31
CA TYR A 60 9.01 -10.80 -0.04
C TYR A 60 7.80 -10.72 0.87
N LEU A 61 7.53 -11.82 1.58
CA LEU A 61 6.52 -11.90 2.63
C LEU A 61 7.28 -12.29 3.89
N GLY A 62 6.83 -11.82 5.06
CA GLY A 62 7.47 -12.12 6.34
C GLY A 62 8.81 -11.43 6.55
N ARG A 63 9.04 -10.29 5.88
CA ARG A 63 10.26 -9.49 5.94
C ARG A 63 10.02 -8.21 6.75
N SER A 64 10.86 -7.96 7.79
CA SER A 64 10.73 -6.81 8.70
C SER A 64 11.73 -5.68 8.45
N ARG A 65 12.82 -5.98 7.75
CA ARG A 65 13.89 -5.01 7.48
C ARG A 65 14.19 -4.93 5.99
N LEU A 66 14.62 -3.75 5.56
CA LEU A 66 14.91 -3.41 4.18
C LEU A 66 16.09 -4.23 3.61
N ASN A 67 17.09 -4.58 4.43
CA ASN A 67 18.27 -5.34 3.99
C ASN A 67 18.68 -6.45 4.99
N SER A 68 17.69 -7.22 5.45
CA SER A 68 17.88 -8.37 6.35
C SER A 68 16.94 -9.47 5.93
N ASN A 69 17.46 -10.71 5.89
CA ASN A 69 16.69 -11.91 5.54
C ASN A 69 16.01 -12.44 6.79
N THR A 70 14.95 -11.74 7.23
CA THR A 70 14.15 -12.05 8.43
C THR A 70 13.86 -13.55 8.50
N GLN A 71 14.05 -14.15 9.68
CA GLN A 71 13.76 -15.57 9.92
C GLN A 71 12.29 -15.84 9.57
N GLY A 72 12.05 -16.86 8.74
CA GLY A 72 10.71 -17.23 8.31
C GLY A 72 10.19 -16.50 7.10
N GLU A 73 11.01 -15.62 6.47
CA GLU A 73 10.57 -14.90 5.27
C GLU A 73 10.56 -15.82 4.05
N MET A 74 9.74 -15.47 3.03
CA MET A 74 9.58 -16.21 1.78
CA MET A 74 9.67 -16.22 1.78
C MET A 74 9.83 -15.26 0.59
N LYS A 75 10.64 -15.66 -0.38
CA LYS A 75 10.98 -14.87 -1.58
C LYS A 75 10.21 -15.40 -2.80
N PHE A 76 9.65 -14.47 -3.62
CA PHE A 76 8.85 -14.83 -4.78
C PHE A 76 9.20 -14.04 -6.03
N GLU A 77 8.86 -14.60 -7.19
CA GLU A 77 8.97 -13.94 -8.47
C GLU A 77 7.55 -13.61 -8.92
N VAL A 78 7.37 -12.71 -9.89
CA VAL A 78 6.03 -12.33 -10.30
C VAL A 78 5.64 -13.14 -11.55
N GLU A 79 4.63 -14.01 -11.39
CA GLU A 79 4.11 -14.86 -12.46
C GLU A 79 3.23 -14.04 -13.41
N ASN A 80 2.54 -13.01 -12.89
CA ASN A 80 1.62 -12.15 -13.66
C ASN A 80 1.53 -10.79 -13.01
N LEU A 81 1.81 -9.74 -13.79
CA LEU A 81 1.73 -8.36 -13.34
C LEU A 81 0.50 -7.75 -14.01
N ILE A 82 -0.53 -7.41 -13.21
CA ILE A 82 -1.77 -6.88 -13.76
C ILE A 82 -1.94 -5.41 -13.34
N LEU A 83 -1.90 -4.51 -14.32
CA LEU A 83 -2.08 -3.08 -14.11
C LEU A 83 -3.48 -2.67 -14.52
N HIS A 84 -4.08 -1.66 -13.84
CA HIS A 84 -5.43 -1.22 -14.22
C HIS A 84 -5.36 -0.43 -15.56
N LYS A 85 -6.16 -0.87 -16.56
CA LYS A 85 -6.19 -0.31 -17.92
C LYS A 85 -6.46 1.21 -17.99
N ASP A 86 -7.27 1.76 -17.07
CA ASP A 86 -7.60 3.19 -17.12
C ASP A 86 -6.82 4.01 -16.09
N TYR A 87 -5.58 3.58 -15.74
CA TYR A 87 -4.69 4.33 -14.84
C TYR A 87 -4.22 5.62 -15.53
N SER A 88 -4.08 6.72 -14.77
CA SER A 88 -3.53 7.99 -15.23
C SER A 88 -3.11 8.82 -14.02
N ALA A 89 -2.15 9.73 -14.24
CA ALA A 89 -1.64 10.59 -13.18
C ALA A 89 -1.70 12.05 -13.59
N ASP A 90 -2.41 12.85 -12.78
CA ASP A 90 -2.52 14.31 -12.94
C ASP A 90 -1.37 14.92 -12.13
N THR A 91 -1.32 16.27 -11.98
CA THR A 91 -0.25 16.94 -11.20
C THR A 91 -0.18 16.31 -9.79
N LEU A 92 -1.34 16.10 -9.17
CA LEU A 92 -1.37 15.47 -7.86
C LEU A 92 -2.10 14.14 -7.87
N ALA A 93 -3.37 14.17 -8.32
CA ALA A 93 -4.28 13.04 -8.28
C ALA A 93 -3.89 11.89 -9.21
N HIS A 94 -3.90 10.65 -8.67
CA HIS A 94 -3.64 9.42 -9.40
C HIS A 94 -4.95 8.66 -9.49
N HIS A 95 -5.29 8.24 -10.70
CA HIS A 95 -6.58 7.58 -10.98
C HIS A 95 -6.38 6.10 -11.24
N ASN A 96 -7.32 5.28 -10.72
CA ASN A 96 -7.32 3.81 -10.85
C ASN A 96 -5.94 3.28 -10.43
N ASP A 97 -5.42 3.79 -9.31
CA ASP A 97 -4.10 3.45 -8.80
C ASP A 97 -4.12 2.14 -8.01
N ILE A 98 -4.26 1.04 -8.77
CA ILE A 98 -4.40 -0.30 -8.22
C ILE A 98 -3.77 -1.33 -9.18
N ALA A 99 -3.07 -2.31 -8.61
CA ALA A 99 -2.40 -3.36 -9.40
C ALA A 99 -2.41 -4.69 -8.66
N LEU A 100 -2.31 -5.80 -9.41
CA LEU A 100 -2.26 -7.15 -8.85
C LEU A 100 -0.99 -7.88 -9.27
N LEU A 101 -0.39 -8.63 -8.34
CA LEU A 101 0.83 -9.39 -8.61
C LEU A 101 0.62 -10.84 -8.24
N LYS A 102 0.59 -11.74 -9.25
CA LYS A 102 0.48 -13.19 -9.00
C LYS A 102 1.89 -13.64 -8.66
N ILE A 103 2.09 -14.19 -7.45
CA ILE A 103 3.41 -14.57 -6.92
C ILE A 103 3.64 -16.09 -6.98
N ARG A 104 4.91 -16.44 -7.19
CA ARG A 104 5.35 -17.82 -7.34
C ARG A 104 6.79 -17.97 -6.86
N SER A 105 7.05 -18.99 -6.02
CA SER A 105 8.40 -19.33 -5.56
C SER A 105 9.15 -20.00 -6.73
N LYS A 106 10.46 -20.18 -6.61
CA LYS A 106 11.25 -20.86 -7.65
C LYS A 106 10.80 -22.33 -7.88
N GLU A 107 10.13 -22.94 -6.88
CA GLU A 107 9.59 -24.30 -6.96
C GLU A 107 8.16 -24.33 -7.50
N GLY A 108 7.63 -23.16 -7.86
CA GLY A 108 6.29 -22.99 -8.42
C GLY A 108 5.14 -22.87 -7.44
N ARG A 109 5.43 -22.59 -6.15
CA ARG A 109 4.39 -22.52 -5.12
C ARG A 109 4.04 -21.08 -4.68
N CYS A 110 2.82 -20.92 -4.17
CA CYS A 110 2.33 -19.66 -3.65
C CYS A 110 2.72 -19.56 -2.17
N ALA A 111 2.31 -18.48 -1.47
CA ALA A 111 2.64 -18.27 -0.08
C ALA A 111 2.08 -19.37 0.83
N GLN A 112 2.84 -19.73 1.86
CA GLN A 112 2.46 -20.69 2.89
C GLN A 112 2.17 -19.88 4.15
N PRO A 113 0.89 -19.77 4.58
CA PRO A 113 0.58 -18.98 5.78
C PRO A 113 1.33 -19.48 7.00
N SER A 114 1.79 -18.53 7.82
CA SER A 114 2.52 -18.78 9.06
C SER A 114 2.25 -17.62 10.03
N ARG A 115 2.99 -17.57 11.14
CA ARG A 115 2.85 -16.52 12.15
C ARG A 115 3.24 -15.13 11.59
N THR A 116 4.14 -15.08 10.59
CA THR A 116 4.64 -13.85 9.97
C THR A 116 4.08 -13.63 8.55
N ILE A 117 3.32 -14.61 8.00
CA ILE A 117 2.75 -14.50 6.64
C ILE A 117 1.27 -14.86 6.73
N GLN A 118 0.39 -13.86 6.51
CA GLN A 118 -1.07 -14.01 6.62
C GLN A 118 -1.77 -13.15 5.60
N THR A 119 -3.00 -13.53 5.20
CA THR A 119 -3.75 -12.69 4.27
C THR A 119 -4.50 -11.59 5.03
N ILE A 120 -4.95 -10.54 4.33
CA ILE A 120 -5.80 -9.46 4.86
C ILE A 120 -7.14 -9.54 4.15
N ALA A 121 -8.25 -9.47 4.90
CA ALA A 121 -9.59 -9.53 4.30
C ALA A 121 -9.89 -8.29 3.45
N LEU A 122 -10.61 -8.50 2.34
CA LEU A 122 -11.05 -7.40 1.48
C LEU A 122 -12.35 -6.83 2.05
N PRO A 123 -12.70 -5.55 1.79
CA PRO A 123 -13.98 -5.04 2.29
C PRO A 123 -15.16 -5.55 1.47
N SER A 124 -16.39 -5.36 1.99
CA SER A 124 -17.60 -5.71 1.26
C SER A 124 -18.09 -4.42 0.58
N MET A 125 -18.87 -4.53 -0.51
CA MET A 125 -19.33 -3.36 -1.27
C MET A 125 -20.25 -2.44 -0.47
N TYR A 126 -20.09 -1.11 -0.71
CA TYR A 126 -20.82 0.02 -0.09
C TYR A 126 -20.70 0.00 1.46
N ASN A 127 -19.60 -0.56 2.00
CA ASN A 127 -19.38 -0.64 3.43
C ASN A 127 -17.96 -0.20 3.81
N ASP A 128 -17.78 1.11 3.93
CA ASP A 128 -16.53 1.72 4.36
C ASP A 128 -16.73 2.27 5.76
N PRO A 129 -15.67 2.46 6.58
CA PRO A 129 -15.90 2.98 7.94
C PRO A 129 -16.32 4.45 7.88
N GLN A 130 -17.07 4.90 8.90
CA GLN A 130 -17.51 6.31 8.98
C GLN A 130 -16.29 7.26 9.09
N PHE A 131 -16.46 8.53 8.68
CA PHE A 131 -15.40 9.54 8.80
C PHE A 131 -15.09 9.71 10.30
N GLY A 132 -13.81 9.90 10.63
CA GLY A 132 -13.39 10.01 12.02
C GLY A 132 -12.82 8.72 12.57
N THR A 133 -13.01 7.58 11.85
CA THR A 133 -12.49 6.24 12.23
C THR A 133 -10.97 6.25 12.18
N SER A 134 -10.33 5.62 13.17
CA SER A 134 -8.88 5.49 13.20
C SER A 134 -8.49 4.23 12.44
N CYS A 135 -7.50 4.36 11.51
CA CYS A 135 -7.00 3.26 10.69
C CYS A 135 -5.46 3.26 10.71
N GLU A 136 -4.85 2.11 10.41
CA GLU A 136 -3.40 2.02 10.42
C GLU A 136 -2.81 1.93 9.02
N ILE A 137 -1.58 2.43 8.88
CA ILE A 137 -0.78 2.37 7.65
C ILE A 137 0.57 1.76 8.01
N THR A 138 1.20 1.07 7.04
CA THR A 138 2.49 0.39 7.18
C THR A 138 3.34 0.63 5.95
N GLY A 139 4.66 0.77 6.15
CA GLY A 139 5.58 0.89 5.03
C GLY A 139 7.02 1.17 5.37
N PHE A 140 7.88 1.08 4.34
CA PHE A 140 9.32 1.35 4.40
C PHE A 140 9.59 2.77 3.80
N GLY A 141 8.55 3.60 3.68
CA GLY A 141 8.68 4.96 3.13
C GLY A 141 9.43 5.94 3.99
N LYS A 142 9.72 7.14 3.43
CA LYS A 142 10.46 8.22 4.09
C LYS A 142 9.91 8.61 5.45
N GLU A 143 10.83 8.94 6.38
CA GLU A 143 10.52 9.39 7.74
C GLU A 143 10.34 10.91 7.80
N GLN A 144 10.93 11.62 6.85
CA GLN A 144 10.84 13.08 6.72
C GLN A 144 10.83 13.42 5.22
N SER A 145 10.09 14.48 4.83
CA SER A 145 10.02 14.94 3.42
C SER A 145 11.42 15.23 2.84
N THR A 146 12.36 15.73 3.68
CA THR A 146 13.72 16.08 3.24
C THR A 146 14.69 14.88 3.16
N ASP A 147 14.30 13.67 3.63
CA ASP A 147 15.16 12.47 3.54
C ASP A 147 15.27 11.95 2.09
N TYR A 148 16.39 11.29 1.75
CA TYR A 148 16.54 10.66 0.43
C TYR A 148 16.64 9.14 0.61
N LEU A 149 16.94 8.68 1.84
CA LEU A 149 17.02 7.26 2.20
C LEU A 149 15.74 6.82 2.88
N TYR A 150 15.44 5.52 2.76
CA TYR A 150 14.31 4.89 3.43
C TYR A 150 14.77 4.27 4.76
N PRO A 151 13.89 4.20 5.80
CA PRO A 151 14.31 3.55 7.05
C PRO A 151 14.62 2.06 6.85
N GLU A 152 15.57 1.52 7.62
CA GLU A 152 15.94 0.09 7.52
C GLU A 152 14.87 -0.77 8.18
N GLN A 153 14.20 -0.25 9.22
CA GLN A 153 13.17 -0.98 9.94
C GLN A 153 11.78 -0.51 9.52
N LEU A 154 10.87 -1.48 9.35
CA LEU A 154 9.46 -1.26 8.99
C LEU A 154 8.79 -0.31 10.01
N LYS A 155 7.93 0.57 9.52
CA LYS A 155 7.20 1.51 10.37
C LYS A 155 5.70 1.36 10.21
N MET A 156 4.94 1.91 11.17
CA MET A 156 3.49 1.97 11.18
C MET A 156 3.02 3.27 11.87
N THR A 157 1.78 3.68 11.59
CA THR A 157 1.14 4.81 12.28
C THR A 157 -0.38 4.68 12.18
N VAL A 158 -1.10 5.56 12.89
CA VAL A 158 -2.56 5.62 12.91
C VAL A 158 -2.99 7.01 12.43
N VAL A 159 -3.94 7.04 11.47
CA VAL A 159 -4.53 8.27 10.91
C VAL A 159 -6.08 8.18 10.99
N LYS A 160 -6.77 9.32 10.85
CA LYS A 160 -8.22 9.33 10.91
C LYS A 160 -8.81 9.59 9.54
N LEU A 161 -9.86 8.84 9.18
CA LEU A 161 -10.54 9.02 7.89
C LEU A 161 -11.22 10.38 7.83
N ILE A 162 -11.14 11.02 6.66
CA ILE A 162 -11.71 12.34 6.40
C ILE A 162 -12.81 12.20 5.33
N SER A 163 -13.97 12.84 5.55
CA SER A 163 -15.10 12.81 4.61
C SER A 163 -14.74 13.38 3.24
N HIS A 164 -15.44 12.93 2.18
CA HIS A 164 -15.26 13.46 0.82
C HIS A 164 -15.58 14.97 0.78
N ARG A 165 -16.69 15.43 1.42
CA ARG A 165 -17.07 16.86 1.43
C ARG A 165 -15.98 17.74 2.09
N GLU A 166 -15.36 17.26 3.18
CA GLU A 166 -14.25 18.00 3.81
C GLU A 166 -13.02 17.97 2.91
N CYS A 167 -12.68 16.80 2.35
CA CYS A 167 -11.49 16.69 1.53
C CYS A 167 -11.58 17.50 0.23
N GLN A 168 -12.81 17.84 -0.21
CA GLN A 168 -13.10 18.63 -1.41
C GLN A 168 -13.14 20.14 -1.12
N GLN A 169 -12.88 20.56 0.14
CA GLN A 169 -12.85 22.00 0.47
C GLN A 169 -11.71 22.71 -0.31
N PRO A 170 -11.83 24.03 -0.61
CA PRO A 170 -10.79 24.70 -1.42
C PRO A 170 -9.36 24.65 -0.86
N HIS A 171 -9.15 24.79 0.47
CA HIS A 171 -7.80 24.74 1.05
C HIS A 171 -7.29 23.28 1.18
N TYR A 172 -8.16 22.27 0.98
CA TYR A 172 -7.76 20.87 0.96
C TYR A 172 -7.44 20.50 -0.51
N TYR A 173 -8.20 19.60 -1.16
CA TYR A 173 -7.87 19.25 -2.55
C TYR A 173 -8.92 19.69 -3.59
N GLY A 174 -9.99 20.37 -3.17
CA GLY A 174 -11.03 20.80 -4.11
C GLY A 174 -11.61 19.62 -4.88
N SER A 175 -11.93 19.85 -6.17
CA SER A 175 -12.50 18.81 -7.04
C SER A 175 -11.44 17.80 -7.55
N GLU A 176 -10.15 17.94 -7.16
CA GLU A 176 -9.08 17.02 -7.57
C GLU A 176 -9.22 15.64 -6.92
N VAL A 177 -9.82 15.57 -5.71
CA VAL A 177 -10.05 14.28 -5.01
C VAL A 177 -11.48 13.83 -5.38
N THR A 178 -11.64 12.57 -5.82
CA THR A 178 -12.92 12.03 -6.29
C THR A 178 -13.53 11.04 -5.28
N THR A 179 -14.76 10.55 -5.57
CA THR A 179 -15.50 9.59 -4.72
C THR A 179 -14.84 8.19 -4.75
N LYS A 180 -13.95 7.92 -5.74
CA LYS A 180 -13.21 6.65 -5.84
C LYS A 180 -11.93 6.67 -4.97
N MET A 181 -11.71 7.78 -4.24
CA MET A 181 -10.55 8.02 -3.39
C MET A 181 -10.97 8.29 -1.96
N LEU A 182 -10.12 7.89 -1.02
CA LEU A 182 -10.36 8.08 0.40
C LEU A 182 -9.23 8.91 1.05
N CYS A 183 -9.61 9.98 1.76
CA CYS A 183 -8.67 10.83 2.48
C CYS A 183 -8.53 10.37 3.90
N ALA A 184 -7.29 10.41 4.42
CA ALA A 184 -6.99 10.10 5.80
C ALA A 184 -5.79 10.92 6.27
N ALA A 185 -5.85 11.47 7.50
CA ALA A 185 -4.76 12.26 8.06
C ALA A 185 -4.79 12.33 9.59
N ASP A 186 -3.75 12.97 10.15
CA ASP A 186 -3.62 13.30 11.56
C ASP A 186 -4.28 14.67 11.81
N PRO A 187 -5.22 14.84 12.79
CA PRO A 187 -5.82 16.17 13.01
C PRO A 187 -4.78 17.26 13.34
N GLN A 188 -3.64 16.88 13.94
CA GLN A 188 -2.53 17.77 14.29
C GLN A 188 -1.45 17.81 13.19
N TRP A 189 -1.66 17.08 12.07
CA TRP A 189 -0.77 17.05 10.87
C TRP A 189 0.69 16.65 11.20
N LYS A 190 0.89 15.77 12.19
CA LYS A 190 2.24 15.36 12.62
C LYS A 190 2.65 13.97 12.07
N THR A 191 1.68 13.15 11.66
CA THR A 191 2.01 11.82 11.14
C THR A 191 1.26 11.55 9.84
N ASP A 192 1.87 10.74 8.94
CA ASP A 192 1.30 10.47 7.61
C ASP A 192 2.12 9.43 6.83
N SER A 193 1.59 8.98 5.68
CA SER A 193 2.38 8.18 4.74
C SER A 193 3.22 9.17 3.91
N CYS A 194 4.24 8.66 3.20
CA CYS A 194 5.09 9.52 2.37
C CYS A 194 5.64 8.67 1.21
N GLN A 195 6.50 9.26 0.34
CA GLN A 195 7.16 8.56 -0.77
C GLN A 195 7.81 7.26 -0.26
N GLY A 196 7.55 6.12 -0.91
CA GLY A 196 8.06 4.82 -0.49
C GLY A 196 7.00 3.96 0.16
N ASP A 197 5.95 4.61 0.70
CA ASP A 197 4.83 3.92 1.33
C ASP A 197 3.75 3.54 0.30
N SER A 198 3.84 4.07 -0.94
CA SER A 198 2.88 3.79 -2.02
C SER A 198 2.66 2.29 -2.20
N GLY A 199 1.41 1.92 -2.51
CA GLY A 199 1.03 0.53 -2.74
C GLY A 199 0.69 -0.24 -1.49
N GLY A 200 1.15 0.28 -0.35
CA GLY A 200 0.94 -0.30 0.97
C GLY A 200 -0.48 -0.21 1.48
N PRO A 201 -0.76 -0.92 2.60
CA PRO A 201 -2.14 -0.97 3.11
C PRO A 201 -2.57 0.17 4.03
N LEU A 202 -3.89 0.47 3.96
CA LEU A 202 -4.61 1.31 4.90
C LEU A 202 -5.62 0.34 5.50
N VAL A 203 -5.35 -0.14 6.73
CA VAL A 203 -6.18 -1.18 7.34
C VAL A 203 -7.10 -0.56 8.42
N CYS A 204 -8.42 -0.80 8.30
CA CYS A 204 -9.41 -0.32 9.25
C CYS A 204 -10.10 -1.48 9.91
N SER A 205 -10.33 -1.39 11.22
CA SER A 205 -11.10 -2.40 11.93
C SER A 205 -12.57 -2.03 11.72
N LEU A 206 -13.33 -2.87 10.99
CA LEU A 206 -14.71 -2.54 10.69
C LEU A 206 -15.62 -3.68 11.13
N GLN A 207 -16.47 -3.41 12.14
CA GLN A 207 -17.42 -4.37 12.74
C GLN A 207 -16.63 -5.57 13.28
N GLY A 208 -15.51 -5.28 13.92
CA GLY A 208 -14.60 -6.25 14.52
C GLY A 208 -13.64 -6.95 13.59
N ARG A 209 -13.67 -6.65 12.27
CA ARG A 209 -12.77 -7.35 11.34
C ARG A 209 -11.75 -6.42 10.71
N MET A 210 -10.47 -6.85 10.75
CA MET A 210 -9.35 -6.12 10.13
C MET A 210 -9.56 -6.18 8.62
N THR A 211 -9.66 -5.00 7.99
CA THR A 211 -10.02 -4.89 6.57
C THR A 211 -9.08 -3.99 5.78
N LEU A 212 -8.73 -4.39 4.54
CA LEU A 212 -7.93 -3.57 3.63
C LEU A 212 -8.86 -2.51 2.99
N THR A 213 -9.00 -1.36 3.66
CA THR A 213 -9.91 -0.29 3.22
C THR A 213 -9.27 0.57 2.13
N GLY A 214 -7.97 0.78 2.22
CA GLY A 214 -7.26 1.60 1.24
C GLY A 214 -5.89 1.11 0.84
N ILE A 215 -5.37 1.69 -0.25
CA ILE A 215 -4.02 1.45 -0.79
C ILE A 215 -3.35 2.81 -0.91
N VAL A 216 -2.14 3.01 -0.31
CA VAL A 216 -1.42 4.30 -0.37
C VAL A 216 -1.27 4.74 -1.83
N SER A 217 -1.80 5.92 -2.18
CA SER A 217 -1.76 6.38 -3.57
C SER A 217 -1.01 7.71 -3.74
N TRP A 218 -1.54 8.84 -3.20
CA TRP A 218 -0.94 10.17 -3.42
C TRP A 218 -1.21 11.18 -2.29
N GLY A 219 -0.55 12.34 -2.40
CA GLY A 219 -0.70 13.46 -1.46
C GLY A 219 0.20 14.64 -1.82
N ARG A 220 -0.18 15.85 -1.34
CA ARG A 220 0.62 17.07 -1.51
C ARG A 220 1.51 17.19 -0.25
N GLY A 221 2.82 17.04 -0.46
CA GLY A 221 3.80 17.00 0.62
C GLY A 221 3.58 15.76 1.47
N CYS A 222 4.18 15.71 2.67
CA CYS A 222 3.97 14.64 3.68
C CYS A 222 3.73 15.30 5.05
N ALA A 223 2.61 14.97 5.71
CA ALA A 223 2.19 15.56 6.99
C ALA A 223 2.08 17.11 6.90
N LEU A 224 1.60 17.62 5.75
CA LEU A 224 1.39 19.04 5.49
C LEU A 224 -0.05 19.45 5.90
N LYS A 225 -0.17 20.59 6.58
CA LYS A 225 -1.45 21.14 7.04
C LYS A 225 -2.46 21.24 5.87
N ASP A 226 -3.68 20.73 6.09
CA ASP A 226 -4.82 20.72 5.16
C ASP A 226 -4.57 19.87 3.92
N LYS A 227 -3.55 18.98 3.95
CA LYS A 227 -3.21 18.13 2.80
C LYS A 227 -3.18 16.65 3.23
N PRO A 228 -4.36 15.99 3.28
CA PRO A 228 -4.40 14.58 3.71
C PRO A 228 -3.71 13.60 2.76
N GLY A 229 -3.46 12.40 3.27
CA GLY A 229 -2.97 11.28 2.48
C GLY A 229 -4.17 10.86 1.64
N VAL A 230 -3.96 10.46 0.37
CA VAL A 230 -5.07 10.02 -0.47
C VAL A 230 -4.82 8.54 -0.81
N TYR A 231 -5.88 7.75 -0.69
CA TYR A 231 -5.84 6.30 -0.83
C TYR A 231 -6.87 5.82 -1.82
N THR A 232 -6.52 4.76 -2.56
CA THR A 232 -7.45 4.08 -3.48
C THR A 232 -8.53 3.43 -2.59
N ARG A 233 -9.81 3.73 -2.83
CA ARG A 233 -10.89 3.15 -2.04
C ARG A 233 -11.13 1.74 -2.59
N VAL A 234 -10.59 0.72 -1.90
CA VAL A 234 -10.63 -0.69 -2.31
C VAL A 234 -12.07 -1.20 -2.56
N SER A 235 -13.07 -0.77 -1.76
CA SER A 235 -14.47 -1.19 -1.91
C SER A 235 -15.04 -0.88 -3.30
N HIS A 236 -14.56 0.19 -3.97
CA HIS A 236 -15.02 0.52 -5.33
C HIS A 236 -14.54 -0.49 -6.36
N PHE A 237 -13.36 -1.08 -6.14
CA PHE A 237 -12.68 -1.94 -7.09
C PHE A 237 -12.89 -3.46 -6.88
N LEU A 238 -13.84 -3.85 -6.03
CA LEU A 238 -14.14 -5.27 -5.79
C LEU A 238 -14.54 -6.01 -7.08
N PRO A 239 -15.39 -5.48 -8.01
CA PRO A 239 -15.64 -6.22 -9.26
C PRO A 239 -14.35 -6.45 -10.08
N TRP A 240 -13.47 -5.43 -10.18
CA TRP A 240 -12.18 -5.49 -10.91
C TRP A 240 -11.23 -6.51 -10.23
N ILE A 241 -11.13 -6.50 -8.88
CA ILE A 241 -10.26 -7.43 -8.14
C ILE A 241 -10.70 -8.89 -8.38
N ARG A 242 -12.01 -9.18 -8.23
CA ARG A 242 -12.56 -10.52 -8.42
C ARG A 242 -12.32 -11.03 -9.85
N SER A 243 -12.53 -10.18 -10.87
CA SER A 243 -12.38 -10.57 -12.28
C SER A 243 -10.92 -10.87 -12.66
N HIS A 244 -9.96 -10.09 -12.13
CA HIS A 244 -8.56 -10.25 -12.45
C HIS A 244 -7.81 -11.28 -11.55
N THR A 245 -8.45 -11.82 -10.49
CA THR A 245 -7.80 -12.87 -9.68
C THR A 245 -8.33 -14.27 -10.09
N LYS A 246 -9.21 -14.29 -11.12
CA LYS A 246 -9.78 -15.51 -11.70
C LYS A 246 -8.99 -15.93 -12.94
C1 UI3 B . 4.49 9.41 -3.52
C2 UI3 B . 3.37 8.92 -2.90
C3 UI3 B . 2.75 9.62 -1.80
C4 UI3 B . 3.29 10.87 -1.34
C5 UI3 B . 4.47 11.40 -2.01
C6 UI3 B . 5.05 10.68 -3.09
C9 UI3 B . 1.61 9.05 -1.16
C10 UI3 B . 1.01 9.69 -0.09
C11 UI3 B . 1.54 10.93 0.42
C12 UI3 B . 2.65 11.52 -0.20
C16 UI3 B . 0.90 11.52 1.66
N17 UI3 B . 1.08 12.88 1.91
N18 UI3 B . 0.23 10.71 2.39
O19 UI3 B . 6.20 11.25 -3.69
C20 UI3 B . 6.64 10.82 -4.98
C24 UI3 B . 5.04 12.67 -1.65
C25 UI3 B . 6.33 12.89 -1.24
N26 UI3 B . 6.45 14.28 -1.03
N27 UI3 B . 5.25 14.90 -1.30
C28 UI3 B . 4.39 13.95 -1.67
S34 UI3 B . 7.79 15.21 -0.57
O35 UI3 B . 8.32 15.79 -1.75
O36 UI3 B . 7.29 16.04 0.45
C37 UI3 B . 8.82 14.06 0.06
S SO4 C . -11.49 8.97 -11.03
O1 SO4 C . -10.16 8.80 -10.45
O2 SO4 C . -11.72 7.84 -11.97
O3 SO4 C . -11.54 10.25 -11.74
O4 SO4 C . -12.54 8.94 -9.99
S SO4 D . -19.15 2.16 -5.41
O1 SO4 D . -18.80 1.63 -4.09
O2 SO4 D . -20.36 3.00 -5.29
O3 SO4 D . -19.39 1.05 -6.34
O4 SO4 D . -18.07 3.03 -5.88
S SO4 E . -14.66 2.49 -12.87
O1 SO4 E . -14.60 3.95 -12.75
O2 SO4 E . -15.96 2.02 -12.33
O3 SO4 E . -14.53 2.08 -14.27
O4 SO4 E . -13.57 1.88 -12.09
C1 GOL F . -7.73 26.82 10.22
O1 GOL F . -6.77 25.85 10.56
C2 GOL F . -7.16 28.22 10.23
O2 GOL F . -7.89 28.98 9.25
C3 GOL F . -5.66 28.30 9.88
O3 GOL F . -5.23 29.66 9.83
C1 GOL G . 1.60 16.49 -14.81
O1 GOL G . 2.06 15.35 -15.53
C2 GOL G . 0.07 16.63 -14.79
O2 GOL G . -0.61 15.62 -15.49
C3 GOL G . -0.42 17.97 -15.36
O3 GOL G . -1.82 18.05 -15.47
C1 GOL H . 17.08 -0.42 -15.30
O1 GOL H . 17.87 -1.60 -15.24
C2 GOL H . 17.84 0.82 -14.86
O2 GOL H . 18.79 0.55 -13.82
C3 GOL H . 16.88 1.96 -14.52
O3 GOL H . 16.87 2.27 -13.13
C1 GOL I . -5.07 -18.82 -6.14
O1 GOL I . -5.03 -17.92 -7.28
C2 GOL I . -5.56 -18.20 -4.82
O2 GOL I . -4.53 -17.44 -4.21
C3 GOL I . -5.87 -19.39 -3.88
O3 GOL I . -6.72 -19.01 -2.76
NA NA J . 18.02 -3.08 6.92
C1 SIN K . 8.80 6.11 -6.90
O1 SIN K . 8.43 6.68 -7.89
O2 SIN K . 9.17 4.81 -6.96
C2 SIN K . 8.86 6.85 -5.58
C3 SIN K . 8.14 6.00 -4.48
C4 SIN K . 6.64 6.16 -4.36
O3 SIN K . 5.94 6.17 -5.30
O4 SIN K . 6.06 6.24 -3.14
#